data_8UUB
#
_entry.id   8UUB
#
_cell.length_a   122.259
_cell.length_b   122.259
_cell.length_c   92.439
_cell.angle_alpha   90.00
_cell.angle_beta   90.00
_cell.angle_gamma   90.00
#
_symmetry.space_group_name_H-M   'P 43 21 2'
#
loop_
_entity.id
_entity.type
_entity.pdbx_description
1 polymer 'Oxidoreductase, pyridine nucleotide-disulfide, class I'
2 non-polymer 'FLAVIN-ADENINE DINUCLEOTIDE'
3 non-polymer 'MALONATE ION'
4 water water
#
_entity_poly.entity_id   1
_entity_poly.type   'polypeptide(L)'
_entity_poly.pdbx_seq_one_letter_code
;GPGSMLTYDLIVIGFGKAGKTLAGKLASAGKKVALVERSKAMYGGTCINIGCIPTKTLLVAAEKDLSFEEVIATKNTITG
RLNGKNYTTVAGTGVDIFDAEAHFLSNKVIEIQAGDEKQELTAETIVINTGAVSNVLPIPGLATSKNVFDSTGIQSLDKL
PEKLGVLGGGNIGLEFAGLYNKLGSKVTVLDTLDTFLPRAEPSIAALAKQYLEEDGIELLQNIHTTEIKNDGDQVLVVTE
DETYRFDALLYATGRKPNVEPLQLENTDIELTERGAIKVDKHCQTNVPGVFAVGDVNGGLQFTYISLDDFRVVYSYLAGD
GSYTLEDRLNVPNTMFITPALSQVGLTESQAADLKLPYAVKEIPVAAMPRGHVNGDLRGAFKAVVNTETKEILGASIFSE
GSQEIINIITVAMDNKIPYTYFTKQIFTHPTLAENLNDLFAI
;
_entity_poly.pdbx_strand_id   A
#
loop_
_chem_comp.id
_chem_comp.type
_chem_comp.name
_chem_comp.formula
FAD non-polymer 'FLAVIN-ADENINE DINUCLEOTIDE' 'C27 H33 N9 O15 P2'
MLI non-polymer 'MALONATE ION' 'C3 H2 O4 -2'
#
# COMPACT_ATOMS: atom_id res chain seq x y z
N GLY A 1 25.34 -22.85 26.45
CA GLY A 1 25.46 -21.48 27.10
C GLY A 1 25.28 -20.42 26.02
N PRO A 2 25.39 -19.13 26.34
CA PRO A 2 25.22 -18.10 25.31
C PRO A 2 26.44 -17.99 24.40
N GLY A 3 26.14 -17.48 23.20
CA GLY A 3 27.11 -17.24 22.14
C GLY A 3 27.73 -15.84 22.26
N SER A 4 28.95 -15.70 21.71
CA SER A 4 29.48 -14.34 21.69
C SER A 4 28.70 -13.54 20.62
N MET A 5 28.64 -12.21 20.82
N MET A 5 29.13 -12.28 20.57
CA MET A 5 28.01 -11.30 19.85
CA MET A 5 28.54 -11.30 19.67
C MET A 5 28.53 -11.58 18.43
C MET A 5 28.66 -11.81 18.25
N LEU A 6 27.60 -11.61 17.45
CA LEU A 6 27.87 -11.86 16.05
C LEU A 6 28.05 -10.53 15.35
N THR A 7 29.05 -10.44 14.47
CA THR A 7 29.33 -9.22 13.75
C THR A 7 29.05 -9.47 12.26
N TYR A 8 28.30 -8.52 11.70
CA TYR A 8 27.95 -8.55 10.28
C TYR A 8 28.40 -7.22 9.68
N ASP A 9 28.42 -7.18 8.32
CA ASP A 9 28.61 -5.91 7.66
C ASP A 9 27.34 -5.08 7.67
N LEU A 10 26.19 -5.74 7.48
CA LEU A 10 24.86 -5.12 7.44
C LEU A 10 23.89 -5.97 8.25
N ILE A 11 23.06 -5.33 9.09
CA ILE A 11 21.90 -5.97 9.70
C ILE A 11 20.69 -5.23 9.17
N VAL A 12 19.72 -5.97 8.60
CA VAL A 12 18.38 -5.46 8.26
C VAL A 12 17.42 -5.96 9.32
N ILE A 13 16.62 -5.05 9.92
CA ILE A 13 15.58 -5.39 10.87
C ILE A 13 14.24 -5.33 10.15
N GLY A 14 13.64 -6.53 9.93
CA GLY A 14 12.34 -6.60 9.27
C GLY A 14 12.51 -7.08 7.81
N PHE A 15 11.64 -8.05 7.44
CA PHE A 15 11.71 -8.60 6.07
C PHE A 15 10.87 -7.75 5.11
N GLY A 16 11.12 -6.42 5.08
CA GLY A 16 10.34 -5.53 4.22
C GLY A 16 10.95 -5.48 2.81
N LYS A 17 10.42 -4.58 1.96
CA LYS A 17 10.76 -4.57 0.55
C LYS A 17 12.19 -4.00 0.39
N ALA A 18 12.40 -2.76 0.87
CA ALA A 18 13.75 -2.23 0.79
C ALA A 18 14.79 -3.13 1.46
N GLY A 19 14.40 -3.68 2.62
CA GLY A 19 15.37 -4.45 3.37
C GLY A 19 15.78 -5.76 2.70
N LYS A 20 14.80 -6.52 2.21
CA LYS A 20 15.15 -7.79 1.56
C LYS A 20 15.91 -7.54 0.25
N THR A 21 15.62 -6.39 -0.42
CA THR A 21 16.30 -6.10 -1.66
C THR A 21 17.78 -5.76 -1.37
N LEU A 22 17.97 -4.87 -0.35
CA LEU A 22 19.36 -4.48 0.01
C LEU A 22 20.12 -5.69 0.53
N ALA A 23 19.47 -6.49 1.40
CA ALA A 23 20.19 -7.63 2.00
C ALA A 23 20.70 -8.58 0.92
N GLY A 24 19.78 -8.96 0.00
CA GLY A 24 20.24 -9.90 -1.03
C GLY A 24 21.28 -9.30 -1.96
N LYS A 25 21.14 -7.99 -2.27
CA LYS A 25 22.12 -7.38 -3.18
C LYS A 25 23.50 -7.41 -2.53
N LEU A 26 23.60 -7.05 -1.24
CA LEU A 26 24.94 -6.98 -0.69
CA LEU A 26 24.92 -6.99 -0.63
C LEU A 26 25.47 -8.38 -0.37
N ALA A 27 24.61 -9.33 0.04
CA ALA A 27 25.12 -10.66 0.28
C ALA A 27 25.63 -11.28 -1.03
N SER A 28 24.93 -11.03 -2.14
CA SER A 28 25.40 -11.56 -3.44
CA SER A 28 25.41 -11.58 -3.40
C SER A 28 26.75 -10.96 -3.82
N ALA A 29 27.01 -9.74 -3.36
CA ALA A 29 28.27 -9.09 -3.64
C ALA A 29 29.36 -9.52 -2.68
N GLY A 30 29.09 -10.40 -1.72
CA GLY A 30 30.10 -10.95 -0.85
C GLY A 30 30.11 -10.34 0.56
N LYS A 31 29.19 -9.42 0.88
CA LYS A 31 29.15 -8.87 2.25
C LYS A 31 28.52 -9.91 3.17
N LYS A 32 28.77 -9.77 4.48
CA LYS A 32 28.17 -10.62 5.49
CA LYS A 32 28.17 -10.65 5.49
C LYS A 32 26.92 -9.93 6.02
N VAL A 33 25.74 -10.57 5.82
CA VAL A 33 24.47 -9.84 6.03
C VAL A 33 23.56 -10.67 6.90
N ALA A 34 22.89 -10.02 7.85
CA ALA A 34 21.84 -10.62 8.64
C ALA A 34 20.54 -9.90 8.41
N LEU A 35 19.44 -10.66 8.40
CA LEU A 35 18.09 -10.08 8.33
C LEU A 35 17.28 -10.73 9.46
N VAL A 36 16.68 -9.87 10.32
CA VAL A 36 15.96 -10.35 11.48
C VAL A 36 14.46 -10.12 11.27
N GLU A 37 13.67 -11.19 11.36
CA GLU A 37 12.22 -11.08 11.10
C GLU A 37 11.45 -11.80 12.21
N ARG A 38 10.50 -11.06 12.81
CA ARG A 38 9.77 -11.56 13.99
CA ARG A 38 9.85 -11.65 13.99
C ARG A 38 8.75 -12.68 13.71
N SER A 39 8.25 -12.80 12.47
CA SER A 39 7.14 -13.73 12.22
C SER A 39 7.35 -14.52 10.93
N LYS A 40 7.26 -15.85 11.04
CA LYS A 40 7.43 -16.67 9.84
C LYS A 40 6.24 -16.45 8.90
N ALA A 41 5.14 -15.94 9.38
CA ALA A 41 3.98 -15.58 8.55
C ALA A 41 4.26 -14.31 7.78
N MET A 42 5.41 -13.70 7.99
CA MET A 42 5.76 -12.43 7.34
C MET A 42 7.04 -12.50 6.53
N TYR A 43 7.50 -13.70 6.20
CA TYR A 43 8.65 -13.74 5.30
C TYR A 43 8.31 -13.16 3.94
N GLY A 44 9.06 -12.15 3.49
CA GLY A 44 8.74 -11.38 2.29
C GLY A 44 8.01 -10.08 2.58
N GLY A 45 7.53 -9.92 3.81
CA GLY A 45 7.02 -8.60 4.24
C GLY A 45 5.50 -8.48 4.11
N THR A 46 5.03 -7.25 4.37
CA THR A 46 3.60 -6.94 4.38
C THR A 46 2.96 -7.14 3.00
N CYS A 47 3.71 -6.74 1.93
N CYS A 47 3.58 -6.66 1.94
CA CYS A 47 3.34 -6.78 0.50
CA CYS A 47 2.88 -6.77 0.66
C CYS A 47 2.88 -8.17 0.10
C CYS A 47 2.64 -8.27 0.36
N ILE A 48 3.68 -9.12 0.52
CA ILE A 48 3.53 -10.55 0.19
C ILE A 48 2.43 -11.18 1.00
N ASN A 49 2.35 -10.95 2.35
CA ASN A 49 1.57 -11.81 3.22
C ASN A 49 0.21 -11.25 3.63
N ILE A 50 0.11 -9.91 3.79
CA ILE A 50 -1.10 -9.32 4.35
C ILE A 50 -1.58 -8.09 3.57
N GLY A 51 -0.87 -7.70 2.52
CA GLY A 51 -1.10 -6.42 1.87
C GLY A 51 -1.48 -6.61 0.38
N CYS A 52 -0.74 -6.02 -0.50
N CYS A 52 -0.63 -6.09 -0.51
CA CYS A 52 -1.20 -6.01 -1.88
CA CYS A 52 -0.82 -5.99 -1.98
C CYS A 52 -1.43 -7.44 -2.38
C CYS A 52 -1.22 -7.36 -2.55
N ILE A 53 -0.45 -8.38 -2.20
CA ILE A 53 -0.61 -9.67 -2.91
C ILE A 53 -1.89 -10.37 -2.45
N PRO A 54 -2.22 -10.60 -1.16
CA PRO A 54 -3.47 -11.27 -0.84
C PRO A 54 -4.70 -10.44 -1.23
N THR A 55 -4.65 -9.11 -1.07
N THR A 55 -4.68 -9.11 -1.12
CA THR A 55 -5.84 -8.34 -1.40
CA THR A 55 -5.92 -8.41 -1.44
C THR A 55 -6.20 -8.53 -2.87
C THR A 55 -6.22 -8.45 -2.94
N LYS A 56 -5.21 -8.38 -3.78
CA LYS A 56 -5.51 -8.42 -5.22
C LYS A 56 -5.77 -9.87 -5.61
N THR A 57 -5.13 -10.87 -4.95
CA THR A 57 -5.40 -12.28 -5.29
C THR A 57 -6.85 -12.63 -4.94
N LEU A 58 -7.35 -12.16 -3.77
CA LEU A 58 -8.75 -12.36 -3.38
C LEU A 58 -9.66 -11.71 -4.41
N LEU A 59 -9.41 -10.45 -4.84
CA LEU A 59 -10.30 -9.83 -5.82
C LEU A 59 -10.34 -10.59 -7.15
N VAL A 60 -9.21 -11.12 -7.64
CA VAL A 60 -9.23 -11.86 -8.91
C VAL A 60 -10.03 -13.14 -8.71
N ALA A 61 -9.84 -13.84 -7.59
CA ALA A 61 -10.50 -15.12 -7.32
C ALA A 61 -11.99 -14.91 -7.18
N ALA A 62 -12.42 -13.76 -6.64
CA ALA A 62 -13.84 -13.55 -6.35
C ALA A 62 -14.62 -13.39 -7.66
N GLU A 63 -13.94 -13.10 -8.76
CA GLU A 63 -14.61 -13.00 -10.07
C GLU A 63 -14.85 -14.37 -10.70
N LYS A 64 -14.32 -15.44 -10.10
CA LYS A 64 -14.36 -16.79 -10.68
C LYS A 64 -15.43 -17.61 -9.97
N ASP A 65 -15.64 -18.82 -10.51
N ASP A 65 -15.72 -18.86 -10.39
CA ASP A 65 -16.57 -19.79 -9.96
CA ASP A 65 -16.89 -19.52 -9.81
C ASP A 65 -15.92 -20.53 -8.79
C ASP A 65 -16.55 -20.37 -8.58
N LEU A 66 -15.74 -19.80 -7.67
CA LEU A 66 -15.17 -20.43 -6.49
C LEU A 66 -16.01 -20.08 -5.26
N SER A 67 -16.13 -20.99 -4.30
CA SER A 67 -16.86 -20.69 -3.09
C SER A 67 -16.01 -19.74 -2.24
N PHE A 68 -16.63 -19.13 -1.23
CA PHE A 68 -15.87 -18.34 -0.25
C PHE A 68 -14.64 -19.10 0.22
N GLU A 69 -14.81 -20.35 0.64
CA GLU A 69 -13.73 -21.10 1.26
C GLU A 69 -12.63 -21.31 0.20
N GLU A 70 -13.01 -21.56 -1.04
CA GLU A 70 -12.03 -21.77 -2.11
C GLU A 70 -11.25 -20.48 -2.40
N VAL A 71 -11.92 -19.31 -2.31
CA VAL A 71 -11.26 -18.05 -2.56
C VAL A 71 -10.21 -17.81 -1.45
N ILE A 72 -10.59 -18.06 -0.22
CA ILE A 72 -9.65 -17.89 0.89
C ILE A 72 -8.47 -18.84 0.73
N ALA A 73 -8.74 -20.13 0.41
CA ALA A 73 -7.66 -21.10 0.25
C ALA A 73 -6.74 -20.72 -0.91
N THR A 74 -7.24 -20.19 -2.02
CA THR A 74 -6.45 -19.76 -3.15
C THR A 74 -5.49 -18.66 -2.68
N LYS A 75 -6.06 -17.65 -1.95
CA LYS A 75 -5.18 -16.63 -1.38
C LYS A 75 -4.08 -17.23 -0.53
N ASN A 76 -4.42 -18.19 0.34
CA ASN A 76 -3.39 -18.80 1.19
C ASN A 76 -2.34 -19.55 0.37
N THR A 77 -2.75 -20.19 -0.72
CA THR A 77 -1.74 -20.85 -1.55
C THR A 77 -0.77 -19.85 -2.15
N ILE A 78 -1.29 -18.74 -2.69
N ILE A 78 -1.27 -18.74 -2.72
CA ILE A 78 -0.46 -17.77 -3.41
CA ILE A 78 -0.38 -17.82 -3.43
C ILE A 78 0.48 -17.06 -2.43
C ILE A 78 0.50 -17.05 -2.44
N THR A 79 -0.04 -16.63 -1.27
CA THR A 79 0.84 -15.93 -0.36
C THR A 79 1.84 -16.88 0.28
N GLY A 80 1.40 -18.11 0.54
CA GLY A 80 2.31 -19.10 1.13
C GLY A 80 3.47 -19.39 0.19
N ARG A 81 3.18 -19.51 -1.13
CA ARG A 81 4.27 -19.79 -2.05
C ARG A 81 5.25 -18.60 -2.13
N LEU A 82 4.70 -17.38 -2.20
CA LEU A 82 5.59 -16.22 -2.25
C LEU A 82 6.35 -16.02 -0.93
N ASN A 83 5.74 -16.41 0.20
CA ASN A 83 6.45 -16.35 1.50
C ASN A 83 7.68 -17.25 1.46
N GLY A 84 7.51 -18.49 0.97
CA GLY A 84 8.65 -19.40 0.91
C GLY A 84 9.65 -18.99 -0.16
N LYS A 85 9.18 -18.45 -1.29
CA LYS A 85 10.05 -17.99 -2.34
C LYS A 85 10.92 -16.84 -1.80
N ASN A 86 10.31 -15.97 -0.98
CA ASN A 86 11.14 -14.85 -0.45
C ASN A 86 12.13 -15.29 0.60
N TYR A 87 11.75 -16.22 1.50
CA TYR A 87 12.72 -16.71 2.46
C TYR A 87 13.89 -17.36 1.74
N THR A 88 13.57 -18.26 0.81
CA THR A 88 14.63 -19.04 0.16
C THR A 88 15.47 -18.21 -0.81
N THR A 89 14.90 -17.18 -1.48
CA THR A 89 15.71 -16.33 -2.33
C THR A 89 16.69 -15.54 -1.47
N VAL A 90 16.20 -14.95 -0.38
CA VAL A 90 17.13 -14.18 0.49
C VAL A 90 18.19 -15.08 1.10
N ALA A 91 17.78 -16.23 1.66
CA ALA A 91 18.79 -17.08 2.27
C ALA A 91 19.74 -17.63 1.20
N GLY A 92 19.26 -17.79 -0.03
CA GLY A 92 20.13 -18.32 -1.07
C GLY A 92 21.26 -17.40 -1.50
N THR A 93 21.16 -16.10 -1.21
CA THR A 93 22.21 -15.14 -1.49
C THR A 93 23.30 -15.20 -0.42
N GLY A 94 22.98 -15.84 0.70
CA GLY A 94 23.97 -15.90 1.80
C GLY A 94 23.56 -15.13 3.04
N VAL A 95 22.41 -14.48 2.99
CA VAL A 95 21.92 -13.73 4.18
C VAL A 95 21.57 -14.74 5.25
N ASP A 96 21.99 -14.45 6.49
CA ASP A 96 21.56 -15.22 7.65
C ASP A 96 20.26 -14.63 8.16
N ILE A 97 19.16 -15.41 8.09
CA ILE A 97 17.84 -14.94 8.49
C ILE A 97 17.61 -15.44 9.90
N PHE A 98 17.33 -14.50 10.81
CA PHE A 98 17.05 -14.87 12.21
C PHE A 98 15.57 -14.71 12.52
N ASP A 99 14.98 -15.74 13.16
CA ASP A 99 13.57 -15.70 13.48
C ASP A 99 13.41 -15.20 14.90
N ALA A 100 13.21 -13.89 15.03
CA ALA A 100 13.10 -13.26 16.34
C ALA A 100 12.62 -11.82 16.16
N GLU A 101 12.16 -11.25 17.25
CA GLU A 101 11.90 -9.82 17.29
C GLU A 101 13.14 -9.12 17.82
N ALA A 102 13.67 -8.18 17.06
CA ALA A 102 14.90 -7.49 17.46
C ALA A 102 14.55 -6.26 18.28
N HIS A 103 15.42 -5.97 19.27
CA HIS A 103 15.37 -4.64 19.88
C HIS A 103 16.80 -4.16 20.09
N PHE A 104 16.94 -2.85 20.18
CA PHE A 104 18.29 -2.29 20.33
C PHE A 104 18.74 -2.29 21.78
N LEU A 105 20.02 -2.62 21.98
CA LEU A 105 20.67 -2.36 23.27
C LEU A 105 21.45 -1.06 23.24
N SER A 106 21.94 -0.65 22.08
CA SER A 106 22.61 0.62 21.88
C SER A 106 22.55 0.90 20.37
N ASN A 107 23.13 2.00 19.92
CA ASN A 107 22.92 2.45 18.55
C ASN A 107 23.06 1.35 17.46
N LYS A 108 24.10 0.50 17.57
CA LYS A 108 24.30 -0.55 16.56
C LYS A 108 24.43 -1.95 17.16
N VAL A 109 23.80 -2.16 18.33
CA VAL A 109 23.74 -3.54 18.87
C VAL A 109 22.28 -3.90 19.07
N ILE A 110 21.91 -5.08 18.51
CA ILE A 110 20.57 -5.57 18.73
C ILE A 110 20.62 -6.86 19.54
N GLU A 111 19.52 -7.13 20.26
CA GLU A 111 19.40 -8.39 20.96
C GLU A 111 18.18 -9.12 20.41
N ILE A 112 18.33 -10.45 20.31
CA ILE A 112 17.22 -11.34 19.98
C ILE A 112 17.18 -12.49 20.97
N GLN A 113 16.00 -13.10 21.10
CA GLN A 113 15.98 -14.36 21.81
C GLN A 113 16.38 -15.50 20.86
N ALA A 114 17.24 -16.41 21.34
CA ALA A 114 17.71 -17.48 20.47
C ALA A 114 17.66 -18.77 21.29
N GLY A 115 16.50 -19.42 21.25
CA GLY A 115 16.27 -20.56 22.14
C GLY A 115 16.23 -20.13 23.60
N ASP A 116 17.07 -20.78 24.43
CA ASP A 116 17.07 -20.52 25.85
C ASP A 116 18.04 -19.39 26.21
N GLU A 117 18.65 -18.74 25.20
CA GLU A 117 19.61 -17.69 25.48
C GLU A 117 19.26 -16.43 24.69
N LYS A 118 19.81 -15.30 25.11
CA LYS A 118 19.79 -14.09 24.29
C LYS A 118 21.01 -14.15 23.39
N GLN A 119 20.89 -13.57 22.16
CA GLN A 119 22.00 -13.41 21.24
C GLN A 119 22.08 -11.94 20.85
N GLU A 120 23.31 -11.40 20.84
CA GLU A 120 23.54 -10.03 20.33
C GLU A 120 24.18 -10.05 18.94
N LEU A 121 23.81 -9.03 18.16
CA LEU A 121 24.39 -8.86 16.82
CA LEU A 121 24.25 -8.83 16.77
C LEU A 121 24.75 -7.39 16.66
N THR A 122 25.83 -7.16 15.91
CA THR A 122 26.22 -5.78 15.60
C THR A 122 26.73 -5.71 14.18
N ALA A 123 26.81 -4.47 13.67
CA ALA A 123 27.29 -4.25 12.30
C ALA A 123 27.67 -2.78 12.18
N GLU A 124 28.37 -2.48 11.05
CA GLU A 124 28.65 -1.07 10.75
C GLU A 124 27.44 -0.36 10.16
N THR A 125 26.53 -1.13 9.52
CA THR A 125 25.34 -0.53 8.92
C THR A 125 24.12 -1.27 9.45
N ILE A 126 23.16 -0.52 9.99
CA ILE A 126 21.87 -1.08 10.43
C ILE A 126 20.76 -0.43 9.60
N VAL A 127 19.90 -1.26 8.98
CA VAL A 127 18.79 -0.73 8.17
C VAL A 127 17.50 -1.18 8.85
N ILE A 128 16.79 -0.21 9.42
CA ILE A 128 15.52 -0.47 10.10
C ILE A 128 14.40 -0.50 9.06
N ASN A 129 13.68 -1.64 8.96
CA ASN A 129 12.69 -1.81 7.88
C ASN A 129 11.49 -2.53 8.50
N THR A 130 10.91 -1.98 9.60
CA THR A 130 9.95 -2.67 10.42
C THR A 130 8.48 -2.36 10.02
N GLY A 131 8.33 -1.52 8.97
CA GLY A 131 6.98 -1.36 8.44
C GLY A 131 6.08 -0.57 9.39
N ALA A 132 4.78 -0.85 9.29
CA ALA A 132 3.73 -0.13 10.02
C ALA A 132 2.79 -1.15 10.62
N VAL A 133 1.89 -0.64 11.48
CA VAL A 133 0.86 -1.47 12.10
C VAL A 133 -0.48 -0.72 12.00
N SER A 134 -1.61 -1.45 12.05
CA SER A 134 -2.93 -0.82 11.86
C SER A 134 -3.18 0.18 12.99
N ASN A 135 -3.70 1.33 12.58
N ASN A 135 -3.69 1.36 12.64
CA ASN A 135 -4.33 2.25 13.53
CA ASN A 135 -4.13 2.30 13.65
C ASN A 135 -5.60 1.60 14.08
C ASN A 135 -5.56 1.94 14.04
N VAL A 136 -5.82 1.85 15.37
CA VAL A 136 -7.11 1.43 15.94
C VAL A 136 -7.74 2.68 16.57
N LEU A 137 -8.90 3.13 16.08
CA LEU A 137 -9.51 4.35 16.61
C LEU A 137 -9.86 4.12 18.07
N PRO A 138 -9.79 5.18 18.90
CA PRO A 138 -10.19 5.07 20.32
C PRO A 138 -11.72 5.13 20.45
N ILE A 139 -12.46 4.32 19.68
CA ILE A 139 -13.90 4.25 19.85
C ILE A 139 -14.20 3.22 20.93
N PRO A 140 -14.95 3.58 22.03
CA PRO A 140 -15.23 2.60 23.06
C PRO A 140 -15.86 1.34 22.48
N GLY A 141 -15.27 0.19 22.82
CA GLY A 141 -15.81 -1.10 22.39
C GLY A 141 -15.16 -1.65 21.10
N LEU A 142 -14.45 -0.80 20.34
CA LEU A 142 -13.89 -1.24 19.05
C LEU A 142 -12.90 -2.38 19.29
N ALA A 143 -12.01 -2.18 20.28
CA ALA A 143 -10.91 -3.11 20.47
C ALA A 143 -11.32 -4.35 21.25
N THR A 144 -12.54 -4.37 21.81
CA THR A 144 -12.92 -5.48 22.67
C THR A 144 -14.17 -6.21 22.17
N SER A 145 -14.73 -5.83 21.02
CA SER A 145 -15.96 -6.51 20.60
C SER A 145 -15.58 -7.67 19.68
N LYS A 146 -16.40 -8.72 19.72
CA LYS A 146 -16.22 -9.87 18.86
C LYS A 146 -16.60 -9.49 17.41
N ASN A 147 -15.92 -10.11 16.42
CA ASN A 147 -16.27 -9.95 15.00
C ASN A 147 -15.89 -8.56 14.49
N VAL A 148 -14.91 -7.94 15.14
CA VAL A 148 -14.30 -6.71 14.68
C VAL A 148 -12.87 -7.05 14.26
N PHE A 149 -12.50 -6.59 13.04
CA PHE A 149 -11.23 -7.02 12.48
C PHE A 149 -10.55 -5.84 11.83
N ASP A 150 -9.21 -5.88 11.81
CA ASP A 150 -8.44 -4.99 10.95
C ASP A 150 -8.24 -5.65 9.56
N SER A 151 -7.42 -4.99 8.73
CA SER A 151 -7.28 -5.46 7.34
C SER A 151 -6.65 -6.86 7.24
N THR A 152 -5.89 -7.30 8.24
CA THR A 152 -5.37 -8.65 8.24
C THR A 152 -6.45 -9.63 8.68
N GLY A 153 -7.15 -9.34 9.79
CA GLY A 153 -8.11 -10.33 10.29
C GLY A 153 -9.23 -10.60 9.29
N ILE A 154 -9.59 -9.58 8.49
CA ILE A 154 -10.73 -9.69 7.59
C ILE A 154 -10.38 -10.70 6.48
N GLN A 155 -9.09 -11.04 6.32
CA GLN A 155 -8.71 -11.96 5.22
C GLN A 155 -8.87 -13.43 5.63
N SER A 156 -9.28 -13.72 6.87
CA SER A 156 -9.34 -15.09 7.38
CA SER A 156 -9.35 -15.10 7.35
C SER A 156 -10.65 -15.37 8.10
N LEU A 157 -11.73 -14.69 7.67
CA LEU A 157 -13.00 -14.98 8.35
C LEU A 157 -13.43 -16.44 8.15
N ASP A 158 -14.16 -16.98 9.14
CA ASP A 158 -14.59 -18.37 9.08
C ASP A 158 -15.62 -18.65 8.01
N LYS A 159 -16.45 -17.65 7.64
CA LYS A 159 -17.45 -17.80 6.62
C LYS A 159 -17.83 -16.41 6.14
N LEU A 160 -18.56 -16.34 5.05
CA LEU A 160 -18.95 -15.07 4.49
C LEU A 160 -19.84 -14.33 5.48
N PRO A 161 -19.54 -13.08 5.87
CA PRO A 161 -20.51 -12.32 6.68
C PRO A 161 -21.67 -11.88 5.79
N GLU A 162 -22.91 -12.11 6.25
CA GLU A 162 -24.01 -11.70 5.39
C GLU A 162 -24.03 -10.19 5.25
N LYS A 163 -23.78 -9.48 6.37
CA LYS A 163 -23.64 -8.03 6.30
C LYS A 163 -22.27 -7.68 6.86
N LEU A 164 -21.55 -6.86 6.09
CA LEU A 164 -20.22 -6.40 6.47
C LEU A 164 -20.26 -4.87 6.58
N GLY A 165 -19.78 -4.34 7.73
CA GLY A 165 -19.52 -2.92 7.87
C GLY A 165 -18.04 -2.63 7.64
N VAL A 166 -17.73 -1.46 7.07
CA VAL A 166 -16.37 -1.02 6.94
C VAL A 166 -16.28 0.37 7.54
N LEU A 167 -15.40 0.57 8.49
N LEU A 167 -15.47 0.53 8.58
CA LEU A 167 -15.23 1.86 9.13
CA LEU A 167 -15.10 1.85 9.12
C LEU A 167 -13.94 2.48 8.59
C LEU A 167 -13.90 2.38 8.35
N GLY A 168 -14.06 3.60 7.85
CA GLY A 168 -13.01 4.33 7.11
C GLY A 168 -13.22 4.31 5.59
N GLY A 169 -12.59 5.23 4.85
CA GLY A 169 -12.86 5.34 3.42
C GLY A 169 -11.64 5.39 2.50
N GLY A 170 -10.48 4.87 2.95
CA GLY A 170 -9.33 4.84 2.08
C GLY A 170 -9.36 3.74 1.01
N ASN A 171 -8.27 3.61 0.25
N ASN A 171 -8.31 3.72 0.18
CA ASN A 171 -8.02 2.54 -0.70
CA ASN A 171 -8.00 2.61 -0.70
C ASN A 171 -8.27 1.17 -0.05
C ASN A 171 -8.44 1.34 0.04
N ILE A 172 -7.81 1.01 1.19
CA ILE A 172 -7.86 -0.34 1.75
C ILE A 172 -9.29 -0.72 2.04
N GLY A 173 -10.00 0.12 2.81
CA GLY A 173 -11.40 -0.14 3.09
C GLY A 173 -12.27 -0.35 1.85
N LEU A 174 -12.07 0.53 0.85
CA LEU A 174 -12.93 0.42 -0.32
C LEU A 174 -12.61 -0.81 -1.14
N GLU A 175 -11.30 -1.18 -1.20
CA GLU A 175 -11.00 -2.43 -1.89
C GLU A 175 -11.64 -3.62 -1.21
N PHE A 176 -11.66 -3.66 0.16
CA PHE A 176 -12.29 -4.77 0.83
C PHE A 176 -13.80 -4.70 0.67
N ALA A 177 -14.39 -3.49 0.64
CA ALA A 177 -15.84 -3.42 0.39
C ALA A 177 -16.16 -4.05 -0.97
N GLY A 178 -15.34 -3.67 -1.97
CA GLY A 178 -15.55 -4.24 -3.30
C GLY A 178 -15.43 -5.75 -3.26
N LEU A 179 -14.38 -6.27 -2.58
CA LEU A 179 -14.19 -7.71 -2.49
C LEU A 179 -15.38 -8.44 -1.89
N TYR A 180 -15.80 -7.99 -0.68
CA TYR A 180 -16.88 -8.71 0.01
C TYR A 180 -18.21 -8.53 -0.72
N ASN A 181 -18.41 -7.38 -1.37
CA ASN A 181 -19.62 -7.27 -2.19
C ASN A 181 -19.61 -8.34 -3.30
N LYS A 182 -18.45 -8.53 -3.96
N LYS A 182 -18.44 -8.56 -3.92
CA LYS A 182 -18.41 -9.56 -4.99
CA LYS A 182 -18.42 -9.51 -5.01
C LYS A 182 -18.72 -10.93 -4.39
C LYS A 182 -18.50 -10.96 -4.48
N LEU A 183 -18.11 -11.20 -3.23
CA LEU A 183 -18.30 -12.49 -2.60
C LEU A 183 -19.74 -12.73 -2.16
N GLY A 184 -20.55 -11.67 -2.02
CA GLY A 184 -21.97 -11.85 -1.70
C GLY A 184 -22.45 -11.11 -0.44
N SER A 185 -21.53 -10.43 0.28
CA SER A 185 -21.93 -9.68 1.48
C SER A 185 -22.71 -8.43 1.10
N LYS A 186 -23.62 -8.02 1.99
N LYS A 186 -23.62 -8.02 1.98
CA LYS A 186 -24.19 -6.69 1.93
CA LYS A 186 -24.18 -6.68 1.85
C LYS A 186 -23.31 -5.72 2.70
C LYS A 186 -23.33 -5.73 2.67
N VAL A 187 -22.69 -4.79 1.98
CA VAL A 187 -21.61 -4.01 2.52
C VAL A 187 -22.04 -2.57 2.72
N THR A 188 -21.75 -2.03 3.92
CA THR A 188 -21.97 -0.61 4.19
C THR A 188 -20.63 0.01 4.63
N VAL A 189 -20.20 1.09 3.98
CA VAL A 189 -19.01 1.82 4.32
C VAL A 189 -19.42 3.04 5.16
N LEU A 190 -18.82 3.20 6.34
CA LEU A 190 -19.17 4.30 7.25
C LEU A 190 -17.91 5.17 7.35
N ASP A 191 -17.98 6.40 6.81
CA ASP A 191 -16.86 7.30 6.78
C ASP A 191 -17.22 8.56 7.59
N THR A 192 -16.20 9.06 8.32
N THR A 192 -16.24 9.02 8.39
CA THR A 192 -16.25 10.22 9.20
CA THR A 192 -16.49 10.23 9.16
C THR A 192 -16.12 11.52 8.42
C THR A 192 -16.51 11.46 8.26
N LEU A 193 -15.77 11.43 7.14
CA LEU A 193 -15.59 12.59 6.28
C LEU A 193 -16.85 12.89 5.48
N ASP A 194 -16.98 14.16 5.06
N ASP A 194 -16.91 14.16 5.02
CA ASP A 194 -18.15 14.55 4.26
CA ASP A 194 -18.03 14.71 4.28
C ASP A 194 -17.96 14.08 2.80
C ASP A 194 -17.94 14.38 2.80
N THR A 195 -16.72 14.11 2.31
CA THR A 195 -16.46 13.96 0.88
C THR A 195 -15.94 12.53 0.60
N PHE A 196 -16.56 11.88 -0.38
CA PHE A 196 -16.08 10.58 -0.84
C PHE A 196 -14.90 10.78 -1.78
N LEU A 197 -13.82 10.02 -1.56
CA LEU A 197 -12.60 10.02 -2.37
C LEU A 197 -12.11 11.45 -2.60
N PRO A 198 -11.79 12.19 -1.54
CA PRO A 198 -11.55 13.63 -1.70
C PRO A 198 -10.25 13.89 -2.45
N ARG A 199 -9.37 12.90 -2.58
CA ARG A 199 -8.11 13.09 -3.31
C ARG A 199 -8.28 12.86 -4.82
N ALA A 200 -9.43 12.34 -5.25
CA ALA A 200 -9.60 12.04 -6.66
C ALA A 200 -10.13 13.27 -7.37
N GLU A 201 -9.99 13.31 -8.69
CA GLU A 201 -10.76 14.27 -9.48
C GLU A 201 -12.24 14.14 -9.15
N PRO A 202 -13.02 15.23 -8.94
CA PRO A 202 -14.43 15.08 -8.57
CA PRO A 202 -14.41 15.05 -8.54
C PRO A 202 -15.28 14.28 -9.55
N SER A 203 -15.00 14.44 -10.86
CA SER A 203 -15.80 13.71 -11.83
C SER A 203 -15.55 12.21 -11.71
N ILE A 204 -14.29 11.86 -11.44
CA ILE A 204 -13.91 10.47 -11.28
C ILE A 204 -14.51 9.93 -9.98
N ALA A 205 -14.40 10.67 -8.86
CA ALA A 205 -15.04 10.22 -7.63
C ALA A 205 -16.55 9.99 -7.84
N ALA A 206 -17.22 10.88 -8.62
CA ALA A 206 -18.63 10.68 -8.83
C ALA A 206 -18.94 9.39 -9.58
N LEU A 207 -18.13 9.09 -10.59
CA LEU A 207 -18.33 7.83 -11.30
C LEU A 207 -18.08 6.66 -10.36
N ALA A 208 -17.01 6.73 -9.56
CA ALA A 208 -16.72 5.61 -8.67
C ALA A 208 -17.88 5.33 -7.71
N LYS A 209 -18.39 6.43 -7.12
CA LYS A 209 -19.55 6.30 -6.23
C LYS A 209 -20.75 5.65 -6.92
N GLN A 210 -21.01 6.08 -8.17
CA GLN A 210 -22.10 5.53 -8.94
C GLN A 210 -21.90 4.02 -9.13
N TYR A 211 -20.67 3.60 -9.49
CA TYR A 211 -20.49 2.19 -9.82
C TYR A 211 -20.55 1.32 -8.57
N LEU A 212 -19.92 1.81 -7.50
CA LEU A 212 -19.98 1.04 -6.25
C LEU A 212 -21.42 0.88 -5.75
N GLU A 213 -22.21 1.95 -5.87
CA GLU A 213 -23.62 1.85 -5.47
C GLU A 213 -24.44 0.96 -6.41
N GLU A 214 -24.15 1.04 -7.72
N GLU A 214 -24.15 0.99 -7.72
CA GLU A 214 -24.80 0.14 -8.67
CA GLU A 214 -24.83 0.10 -8.66
C GLU A 214 -24.55 -1.30 -8.23
C GLU A 214 -24.51 -1.36 -8.33
N ASP A 215 -23.29 -1.61 -7.83
CA ASP A 215 -22.88 -2.95 -7.46
C ASP A 215 -23.49 -3.38 -6.13
N GLY A 216 -24.07 -2.42 -5.36
CA GLY A 216 -24.86 -2.80 -4.18
C GLY A 216 -24.20 -2.32 -2.89
N ILE A 217 -23.09 -1.55 -2.98
CA ILE A 217 -22.42 -1.10 -1.76
C ILE A 217 -23.11 0.17 -1.30
N GLU A 218 -23.28 0.29 0.03
CA GLU A 218 -23.82 1.53 0.57
C GLU A 218 -22.70 2.40 1.12
N LEU A 219 -22.58 3.64 0.64
CA LEU A 219 -21.48 4.53 0.99
C LEU A 219 -22.01 5.70 1.84
N LEU A 220 -21.68 5.72 3.12
CA LEU A 220 -22.22 6.75 4.01
C LEU A 220 -21.12 7.69 4.46
N GLN A 221 -21.42 9.00 4.50
CA GLN A 221 -20.49 10.03 4.90
C GLN A 221 -20.97 10.71 6.21
N ASN A 222 -20.04 11.40 6.87
CA ASN A 222 -20.32 12.20 8.06
C ASN A 222 -20.83 11.29 9.18
N ILE A 223 -20.25 10.10 9.30
CA ILE A 223 -20.73 9.14 10.28
C ILE A 223 -19.80 9.26 11.48
N HIS A 224 -20.38 9.61 12.64
CA HIS A 224 -19.61 9.73 13.88
C HIS A 224 -20.06 8.66 14.87
N THR A 225 -19.16 7.72 15.15
CA THR A 225 -19.47 6.53 15.91
C THR A 225 -19.16 6.83 17.37
N THR A 226 -20.11 6.52 18.27
CA THR A 226 -19.85 6.77 19.68
C THR A 226 -19.45 5.49 20.42
N GLU A 227 -19.81 4.31 19.91
CA GLU A 227 -19.51 3.07 20.56
C GLU A 227 -19.66 1.92 19.56
N ILE A 228 -18.92 0.83 19.80
CA ILE A 228 -19.14 -0.46 19.16
C ILE A 228 -19.50 -1.45 20.26
N LYS A 229 -20.51 -2.29 20.05
N LYS A 229 -20.51 -2.28 20.02
CA LYS A 229 -20.78 -3.35 20.98
CA LYS A 229 -20.91 -3.31 20.96
C LYS A 229 -21.32 -4.57 20.23
C LYS A 229 -21.30 -4.58 20.21
N ASN A 230 -21.49 -5.68 20.94
CA ASN A 230 -22.04 -6.89 20.34
C ASN A 230 -23.50 -7.05 20.73
N ASP A 231 -24.27 -7.65 19.82
CA ASP A 231 -25.52 -8.34 20.12
C ASP A 231 -25.36 -9.81 19.74
N GLY A 232 -25.01 -10.66 20.71
CA GLY A 232 -24.61 -12.01 20.33
C GLY A 232 -23.32 -11.97 19.50
N ASP A 233 -23.34 -12.62 18.33
CA ASP A 233 -22.19 -12.67 17.42
C ASP A 233 -22.18 -11.43 16.55
N GLN A 234 -23.29 -10.70 16.47
CA GLN A 234 -23.34 -9.54 15.59
C GLN A 234 -22.70 -8.31 16.24
N VAL A 235 -22.33 -7.32 15.39
CA VAL A 235 -21.65 -6.11 15.80
C VAL A 235 -22.62 -4.95 15.63
N LEU A 236 -22.75 -4.10 16.66
CA LEU A 236 -23.57 -2.91 16.56
C LEU A 236 -22.64 -1.70 16.54
N VAL A 237 -22.82 -0.80 15.56
CA VAL A 237 -22.03 0.40 15.45
C VAL A 237 -22.97 1.56 15.76
N VAL A 238 -22.74 2.17 16.94
CA VAL A 238 -23.71 3.14 17.45
C VAL A 238 -23.24 4.51 16.99
N THR A 239 -24.09 5.19 16.21
CA THR A 239 -23.71 6.47 15.65
C THR A 239 -24.81 7.47 16.03
N GLU A 240 -24.56 8.76 15.79
CA GLU A 240 -25.47 9.78 16.30
C GLU A 240 -26.94 9.46 15.98
N ASP A 241 -27.23 9.13 14.71
CA ASP A 241 -28.61 9.08 14.25
C ASP A 241 -29.08 7.65 14.05
N GLU A 242 -28.15 6.69 14.02
CA GLU A 242 -28.56 5.33 13.69
C GLU A 242 -27.61 4.33 14.35
N THR A 243 -28.11 3.15 14.71
CA THR A 243 -27.24 2.05 15.10
C THR A 243 -27.27 1.03 13.97
N TYR A 244 -26.10 0.75 13.41
CA TYR A 244 -25.96 -0.18 12.31
C TYR A 244 -25.60 -1.59 12.84
N ARG A 245 -26.18 -2.62 12.20
CA ARG A 245 -25.97 -3.97 12.68
C ARG A 245 -25.26 -4.78 11.57
N PHE A 246 -24.18 -5.46 11.93
CA PHE A 246 -23.39 -6.22 10.95
C PHE A 246 -23.02 -7.59 11.52
N ASP A 247 -22.66 -8.50 10.62
CA ASP A 247 -22.14 -9.81 11.01
C ASP A 247 -20.63 -9.74 11.27
N ALA A 248 -19.96 -8.78 10.63
CA ALA A 248 -18.54 -8.51 10.88
C ALA A 248 -18.29 -7.04 10.57
N LEU A 249 -17.27 -6.48 11.24
CA LEU A 249 -16.88 -5.10 11.00
C LEU A 249 -15.39 -5.10 10.70
N LEU A 250 -15.03 -4.45 9.57
CA LEU A 250 -13.65 -4.12 9.29
C LEU A 250 -13.39 -2.68 9.68
N TYR A 251 -12.28 -2.40 10.38
CA TYR A 251 -11.82 -1.01 10.44
C TYR A 251 -10.55 -0.88 9.59
N ALA A 252 -10.44 0.25 8.88
CA ALA A 252 -9.28 0.49 8.02
C ALA A 252 -9.12 2.00 8.06
N THR A 253 -8.37 2.49 9.06
CA THR A 253 -8.25 3.94 9.22
C THR A 253 -6.78 4.36 9.24
N GLY A 254 -5.94 3.58 8.56
CA GLY A 254 -4.55 3.98 8.44
C GLY A 254 -3.63 3.01 9.18
N ARG A 255 -2.33 3.26 8.96
N ARG A 255 -2.34 3.17 8.92
CA ARG A 255 -1.22 2.44 9.44
CA ARG A 255 -1.30 2.38 9.57
C ARG A 255 -0.07 3.34 9.89
C ARG A 255 -0.19 3.35 9.95
N LYS A 256 0.47 3.06 11.07
CA LYS A 256 1.50 3.96 11.61
C LYS A 256 2.81 3.20 11.74
N PRO A 257 3.96 3.90 11.70
CA PRO A 257 5.26 3.25 11.88
C PRO A 257 5.37 2.31 13.08
N ASN A 258 5.97 1.14 12.83
CA ASN A 258 6.04 0.11 13.85
C ASN A 258 7.39 0.25 14.58
N VAL A 259 7.42 1.13 15.59
N VAL A 259 7.38 0.98 15.70
CA VAL A 259 8.69 1.46 16.24
CA VAL A 259 8.63 1.43 16.34
C VAL A 259 8.74 1.00 17.71
C VAL A 259 8.74 0.85 17.75
N GLU A 260 7.62 0.75 18.40
N GLU A 260 7.65 0.80 18.51
CA GLU A 260 7.66 0.47 19.84
CA GLU A 260 7.72 0.50 19.93
C GLU A 260 8.56 -0.72 20.15
C GLU A 260 8.50 -0.78 20.24
N PRO A 261 8.50 -1.88 19.42
CA PRO A 261 9.27 -3.06 19.83
C PRO A 261 10.78 -2.82 19.78
N LEU A 262 11.22 -1.79 19.06
CA LEU A 262 12.66 -1.62 18.86
C LEU A 262 13.39 -1.13 20.12
N GLN A 263 12.65 -0.56 21.08
CA GLN A 263 13.31 -0.02 22.28
C GLN A 263 14.31 1.08 21.91
N LEU A 264 13.91 2.01 21.03
CA LEU A 264 14.78 3.06 20.56
C LEU A 264 15.26 3.97 21.71
N GLU A 265 14.61 3.93 22.88
CA GLU A 265 15.13 4.77 23.97
C GLU A 265 16.55 4.34 24.34
N ASN A 266 16.97 3.13 23.95
CA ASN A 266 18.31 2.67 24.27
C ASN A 266 19.36 3.17 23.25
N THR A 267 18.96 4.05 22.34
CA THR A 267 19.80 4.59 21.28
C THR A 267 19.60 6.10 21.22
N ASP A 268 20.38 6.71 20.33
CA ASP A 268 20.26 8.15 20.08
C ASP A 268 19.29 8.44 18.92
N ILE A 269 18.63 7.38 18.36
CA ILE A 269 17.82 7.58 17.15
C ILE A 269 16.56 8.42 17.40
N GLU A 270 16.38 9.48 16.58
CA GLU A 270 15.29 10.44 16.82
C GLU A 270 14.04 10.05 16.04
N LEU A 271 12.88 10.28 16.66
CA LEU A 271 11.57 10.15 16.05
C LEU A 271 11.11 11.52 15.58
N THR A 272 10.20 11.52 14.61
CA THR A 272 9.46 12.73 14.26
C THR A 272 8.36 12.95 15.28
N GLU A 273 7.75 14.16 15.20
CA GLU A 273 6.68 14.51 16.13
C GLU A 273 5.53 13.52 16.05
N ARG A 274 5.29 12.95 14.85
CA ARG A 274 4.22 11.99 14.62
C ARG A 274 4.61 10.56 14.96
N GLY A 275 5.90 10.31 15.25
CA GLY A 275 6.26 8.98 15.72
C GLY A 275 6.96 8.12 14.65
N ALA A 276 7.32 8.70 13.52
CA ALA A 276 8.08 7.95 12.53
C ALA A 276 9.56 8.06 12.88
N ILE A 277 10.37 7.13 12.35
CA ILE A 277 11.82 7.29 12.49
C ILE A 277 12.25 8.39 11.52
N LYS A 278 12.88 9.48 12.04
CA LYS A 278 13.25 10.60 11.20
C LYS A 278 14.44 10.26 10.31
N VAL A 279 14.41 10.66 9.03
CA VAL A 279 15.51 10.38 8.13
C VAL A 279 15.83 11.63 7.33
N ASP A 280 17.10 11.68 6.92
CA ASP A 280 17.57 12.66 5.96
C ASP A 280 17.33 12.20 4.53
N LYS A 281 17.87 12.90 3.54
CA LYS A 281 17.61 12.59 2.15
C LYS A 281 18.20 11.23 1.73
N HIS A 282 19.11 10.63 2.53
CA HIS A 282 19.72 9.35 2.21
C HIS A 282 19.01 8.25 3.04
N CYS A 283 17.84 8.56 3.62
CA CYS A 283 17.11 7.61 4.50
C CYS A 283 17.97 7.32 5.73
N GLN A 284 18.89 8.24 6.06
CA GLN A 284 19.75 8.01 7.25
C GLN A 284 19.18 8.72 8.48
N THR A 285 19.23 8.01 9.62
CA THR A 285 18.87 8.60 10.90
C THR A 285 19.97 9.59 11.34
N ASN A 286 19.75 10.12 12.55
CA ASN A 286 20.81 11.01 13.05
C ASN A 286 22.00 10.22 13.57
N VAL A 287 21.91 8.88 13.66
CA VAL A 287 23.06 8.08 14.03
C VAL A 287 23.77 7.66 12.74
N PRO A 288 25.05 8.00 12.53
CA PRO A 288 25.74 7.62 11.29
C PRO A 288 25.72 6.12 11.10
N GLY A 289 25.26 5.68 9.90
CA GLY A 289 25.23 4.26 9.54
C GLY A 289 23.95 3.53 9.97
N VAL A 290 23.00 4.23 10.58
CA VAL A 290 21.70 3.65 10.87
C VAL A 290 20.70 4.33 9.97
N PHE A 291 19.95 3.51 9.18
CA PHE A 291 18.97 4.01 8.20
C PHE A 291 17.58 3.50 8.57
N ALA A 292 16.57 4.16 7.98
CA ALA A 292 15.19 3.70 8.15
C ALA A 292 14.53 3.79 6.79
N VAL A 293 13.97 2.65 6.32
CA VAL A 293 13.42 2.57 4.96
C VAL A 293 11.98 2.07 5.03
N GLY A 294 11.24 2.40 3.98
CA GLY A 294 9.85 1.99 3.91
C GLY A 294 8.96 2.71 4.90
N ASP A 295 7.84 2.07 5.26
CA ASP A 295 6.76 2.76 5.97
C ASP A 295 7.26 3.36 7.29
N VAL A 296 8.27 2.73 7.92
CA VAL A 296 8.63 3.15 9.28
C VAL A 296 9.24 4.56 9.27
N ASN A 297 9.71 5.07 8.13
CA ASN A 297 10.26 6.44 8.09
C ASN A 297 9.19 7.48 7.82
N GLY A 298 7.90 7.08 7.79
CA GLY A 298 6.79 8.03 7.65
C GLY A 298 6.42 8.37 6.21
N GLY A 299 7.12 7.80 5.23
CA GLY A 299 6.90 8.12 3.81
C GLY A 299 5.61 7.44 3.31
N LEU A 300 5.39 7.61 2.01
CA LEU A 300 4.16 7.09 1.39
C LEU A 300 4.17 5.55 1.49
N GLN A 301 3.03 5.00 1.87
CA GLN A 301 2.95 3.56 2.19
C GLN A 301 2.61 2.72 0.95
N PHE A 302 3.62 2.51 0.10
CA PHE A 302 3.46 1.63 -1.04
C PHE A 302 4.70 0.76 -1.13
N THR A 303 4.56 -0.46 -1.63
N THR A 303 4.56 -0.48 -1.63
CA THR A 303 5.71 -1.31 -1.78
CA THR A 303 5.71 -1.36 -1.79
C THR A 303 6.74 -0.69 -2.70
C THR A 303 6.73 -0.72 -2.71
N TYR A 304 6.27 0.03 -3.73
CA TYR A 304 7.19 0.62 -4.68
C TYR A 304 7.92 1.83 -4.10
N ILE A 305 7.40 2.43 -3.03
CA ILE A 305 8.19 3.50 -2.36
C ILE A 305 9.25 2.83 -1.49
N SER A 306 8.91 1.71 -0.80
CA SER A 306 9.95 1.01 -0.08
C SER A 306 11.04 0.55 -1.04
N LEU A 307 10.69 0.06 -2.24
CA LEU A 307 11.72 -0.34 -3.21
C LEU A 307 12.61 0.88 -3.54
N ASP A 308 11.98 2.05 -3.76
CA ASP A 308 12.81 3.20 -4.11
C ASP A 308 13.69 3.65 -2.93
N ASP A 309 13.25 3.39 -1.70
CA ASP A 309 14.17 3.69 -0.57
C ASP A 309 15.39 2.78 -0.65
N PHE A 310 15.28 1.53 -1.14
CA PHE A 310 16.47 0.73 -1.39
C PHE A 310 17.38 1.48 -2.38
N ARG A 311 16.80 2.07 -3.45
CA ARG A 311 17.68 2.76 -4.42
C ARG A 311 18.46 3.91 -3.75
N VAL A 312 17.79 4.62 -2.86
CA VAL A 312 18.43 5.73 -2.13
C VAL A 312 19.55 5.21 -1.23
N VAL A 313 19.25 4.17 -0.43
CA VAL A 313 20.27 3.72 0.53
C VAL A 313 21.42 3.08 -0.25
N TYR A 314 21.13 2.29 -1.29
CA TYR A 314 22.18 1.66 -2.07
C TYR A 314 23.06 2.73 -2.75
N SER A 315 22.45 3.81 -3.23
CA SER A 315 23.23 4.91 -3.81
C SER A 315 24.24 5.42 -2.78
N TYR A 316 23.78 5.64 -1.54
CA TYR A 316 24.67 6.16 -0.49
C TYR A 316 25.72 5.15 -0.03
N LEU A 317 25.34 3.86 0.10
CA LEU A 317 26.29 2.89 0.65
C LEU A 317 27.28 2.43 -0.41
N ALA A 318 26.80 2.11 -1.63
CA ALA A 318 27.62 1.39 -2.60
C ALA A 318 28.04 2.35 -3.71
N GLY A 319 27.36 3.50 -3.83
CA GLY A 319 27.63 4.39 -4.96
C GLY A 319 28.13 5.73 -4.46
N ASP A 320 27.73 6.81 -5.16
CA ASP A 320 28.18 8.12 -4.74
C ASP A 320 27.10 8.96 -4.05
N GLY A 321 25.94 8.37 -3.65
CA GLY A 321 24.96 9.16 -2.92
C GLY A 321 24.22 10.21 -3.75
N SER A 322 24.35 10.08 -5.07
CA SER A 322 23.76 11.05 -5.98
C SER A 322 22.25 10.87 -6.16
N TYR A 323 21.70 9.67 -5.80
CA TYR A 323 20.24 9.58 -5.86
C TYR A 323 19.70 9.62 -4.43
N THR A 324 18.92 10.63 -4.13
CA THR A 324 18.40 10.88 -2.81
C THR A 324 16.88 11.02 -2.82
N LEU A 325 16.26 11.09 -1.65
CA LEU A 325 14.82 11.31 -1.57
C LEU A 325 14.42 12.61 -2.29
N GLU A 326 15.35 13.57 -2.34
CA GLU A 326 15.01 14.85 -2.98
C GLU A 326 14.92 14.70 -4.50
N ASP A 327 15.45 13.61 -5.06
CA ASP A 327 15.51 13.36 -6.49
C ASP A 327 14.34 12.45 -6.97
N ARG A 328 13.50 12.01 -6.03
CA ARG A 328 12.48 11.03 -6.44
C ARG A 328 11.56 11.66 -7.49
N LEU A 329 11.25 10.88 -8.52
CA LEU A 329 10.40 11.39 -9.62
C LEU A 329 8.95 10.98 -9.32
N ASN A 330 8.16 10.68 -10.36
CA ASN A 330 6.73 10.68 -10.16
C ASN A 330 6.21 9.33 -9.63
N VAL A 331 5.23 9.40 -8.72
CA VAL A 331 4.79 8.22 -7.97
C VAL A 331 3.32 8.00 -8.30
N PRO A 332 2.98 6.94 -9.05
CA PRO A 332 1.56 6.70 -9.38
C PRO A 332 0.87 5.98 -8.23
N ASN A 333 -0.45 5.76 -8.34
N ASN A 333 -0.46 5.80 -8.31
CA ASN A 333 -1.19 4.97 -7.39
CA ASN A 333 -1.12 4.86 -7.42
C ASN A 333 -2.33 4.26 -8.13
C ASN A 333 -2.47 4.42 -7.99
N THR A 334 -2.75 3.11 -7.61
N THR A 334 -2.94 3.30 -7.46
CA THR A 334 -3.97 2.43 -8.07
CA THR A 334 -4.09 2.65 -8.07
C THR A 334 -4.82 2.03 -6.87
C THR A 334 -4.85 1.92 -6.97
N MET A 335 -6.16 2.17 -6.96
CA MET A 335 -7.08 1.56 -6.04
CA MET A 335 -7.13 1.59 -6.03
C MET A 335 -7.94 0.58 -6.84
N PHE A 336 -7.88 -0.67 -6.45
CA PHE A 336 -8.48 -1.74 -7.20
C PHE A 336 -9.91 -1.98 -6.74
N ILE A 337 -10.76 -0.99 -6.95
CA ILE A 337 -12.18 -1.13 -7.15
C ILE A 337 -12.39 -1.70 -8.56
N THR A 338 -13.65 -1.79 -9.02
CA THR A 338 -14.04 -2.41 -10.28
C THR A 338 -14.65 -1.32 -11.17
N PRO A 339 -13.94 -0.75 -12.16
CA PRO A 339 -12.57 -1.10 -12.50
C PRO A 339 -11.56 -0.33 -11.67
N ALA A 340 -10.28 -0.61 -11.95
CA ALA A 340 -9.22 0.02 -11.17
C ALA A 340 -9.14 1.54 -11.43
N LEU A 341 -8.92 2.31 -10.35
N LEU A 341 -8.98 2.30 -10.35
CA LEU A 341 -8.81 3.75 -10.44
CA LEU A 341 -8.80 3.75 -10.43
C LEU A 341 -7.36 4.18 -10.16
C LEU A 341 -7.34 4.10 -10.18
N SER A 342 -6.69 4.62 -11.22
CA SER A 342 -5.25 4.92 -11.19
C SER A 342 -5.00 6.40 -11.40
N GLN A 343 -3.87 6.88 -10.89
N GLN A 343 -3.97 6.98 -10.75
CA GLN A 343 -3.64 8.31 -10.94
CA GLN A 343 -3.79 8.43 -10.73
C GLN A 343 -2.15 8.56 -10.76
C GLN A 343 -2.29 8.68 -10.61
N VAL A 344 -1.73 9.68 -11.32
CA VAL A 344 -0.34 10.13 -11.08
C VAL A 344 -0.29 11.65 -11.22
N GLY A 345 0.60 12.28 -10.43
CA GLY A 345 0.83 13.72 -10.62
C GLY A 345 -0.24 14.57 -9.91
N LEU A 346 -0.45 15.78 -10.47
CA LEU A 346 -1.37 16.74 -9.88
C LEU A 346 -2.78 16.52 -10.41
N THR A 347 -3.78 16.67 -9.56
CA THR A 347 -5.16 16.83 -10.01
C THR A 347 -5.41 18.26 -10.54
N GLU A 348 -6.55 18.45 -11.23
CA GLU A 348 -6.91 19.81 -11.64
C GLU A 348 -6.90 20.77 -10.43
N SER A 349 -7.49 20.40 -9.32
N SER A 349 -7.49 20.33 -9.33
CA SER A 349 -7.54 21.38 -8.24
CA SER A 349 -7.62 21.14 -8.11
C SER A 349 -6.14 21.65 -7.70
C SER A 349 -6.25 21.53 -7.57
N GLN A 350 -5.28 20.62 -7.67
CA GLN A 350 -3.94 20.84 -7.14
C GLN A 350 -3.22 21.83 -8.07
N ALA A 351 -3.44 21.69 -9.39
CA ALA A 351 -2.78 22.60 -10.32
C ALA A 351 -3.37 24.00 -10.15
N ALA A 352 -4.69 24.10 -9.96
CA ALA A 352 -5.36 25.38 -9.72
C ALA A 352 -4.78 26.04 -8.46
N ASP A 353 -4.61 25.25 -7.38
CA ASP A 353 -4.12 25.79 -6.11
C ASP A 353 -2.72 26.38 -6.26
N LEU A 354 -1.89 25.80 -7.12
CA LEU A 354 -0.56 26.26 -7.40
C LEU A 354 -0.53 27.41 -8.42
N LYS A 355 -1.69 27.88 -8.87
CA LYS A 355 -1.83 28.92 -9.87
C LYS A 355 -1.02 28.62 -11.12
N LEU A 356 -1.03 27.35 -11.57
CA LEU A 356 -0.30 27.04 -12.79
C LEU A 356 -1.17 27.33 -14.01
N PRO A 357 -0.56 27.60 -15.19
CA PRO A 357 -1.31 27.78 -16.43
C PRO A 357 -1.65 26.39 -17.01
N TYR A 358 -2.77 25.87 -16.52
CA TYR A 358 -3.10 24.47 -16.82
C TYR A 358 -4.32 24.39 -17.74
N ALA A 359 -4.50 23.21 -18.37
CA ALA A 359 -5.70 22.86 -19.10
C ALA A 359 -5.98 21.39 -18.81
N VAL A 360 -7.22 21.00 -19.01
CA VAL A 360 -7.61 19.62 -18.72
C VAL A 360 -8.41 19.10 -19.90
N LYS A 361 -8.52 17.77 -19.99
CA LYS A 361 -9.44 17.14 -20.94
C LYS A 361 -9.86 15.82 -20.30
N GLU A 362 -11.10 15.43 -20.49
CA GLU A 362 -11.65 14.22 -19.91
C GLU A 362 -12.40 13.49 -21.01
N ILE A 363 -12.21 12.16 -21.12
CA ILE A 363 -12.92 11.31 -22.08
C ILE A 363 -13.49 10.14 -21.28
N PRO A 364 -14.80 9.86 -21.29
CA PRO A 364 -15.36 8.68 -20.63
C PRO A 364 -15.02 7.41 -21.40
N VAL A 365 -14.84 6.29 -20.68
CA VAL A 365 -14.60 5.00 -21.32
C VAL A 365 -15.80 4.65 -22.21
N ALA A 366 -16.97 5.21 -21.87
CA ALA A 366 -18.14 4.93 -22.69
C ALA A 366 -17.98 5.45 -24.13
N ALA A 367 -17.09 6.41 -24.37
CA ALA A 367 -16.87 6.97 -25.69
C ALA A 367 -15.70 6.27 -26.37
N MET A 368 -15.17 5.20 -25.78
CA MET A 368 -13.95 4.59 -26.34
C MET A 368 -14.28 3.24 -26.97
N PRO A 369 -13.89 2.95 -28.26
CA PRO A 369 -14.27 1.69 -28.87
C PRO A 369 -13.90 0.46 -28.05
N ARG A 370 -12.71 0.50 -27.39
CA ARG A 370 -12.33 -0.70 -26.63
C ARG A 370 -13.29 -0.90 -25.45
N GLY A 371 -13.87 0.16 -24.87
CA GLY A 371 -14.86 -0.10 -23.82
C GLY A 371 -16.05 -0.93 -24.34
N HIS A 372 -16.49 -0.64 -25.58
CA HIS A 372 -17.56 -1.43 -26.15
C HIS A 372 -17.12 -2.87 -26.46
N VAL A 373 -15.89 -3.02 -26.99
CA VAL A 373 -15.31 -4.35 -27.22
C VAL A 373 -15.34 -5.15 -25.90
N ASN A 374 -14.98 -4.47 -24.78
CA ASN A 374 -14.86 -5.15 -23.50
C ASN A 374 -16.22 -5.47 -22.88
N GLY A 375 -17.29 -4.88 -23.42
CA GLY A 375 -18.58 -5.03 -22.75
C GLY A 375 -18.58 -4.31 -21.40
N ASP A 376 -17.74 -3.29 -21.26
CA ASP A 376 -17.60 -2.61 -19.97
C ASP A 376 -17.38 -1.16 -20.27
N LEU A 377 -18.40 -0.32 -20.02
CA LEU A 377 -18.30 1.09 -20.36
C LEU A 377 -17.95 1.91 -19.11
N ARG A 378 -17.48 1.28 -18.01
CA ARG A 378 -17.15 2.04 -16.80
C ARG A 378 -15.81 2.77 -16.93
N GLY A 379 -15.84 4.02 -16.49
CA GLY A 379 -14.62 4.73 -16.19
C GLY A 379 -14.41 6.01 -17.02
N ALA A 380 -13.25 6.61 -16.86
CA ALA A 380 -12.89 7.79 -17.62
C ALA A 380 -11.38 8.01 -17.54
N PHE A 381 -10.86 8.81 -18.49
CA PHE A 381 -9.51 9.32 -18.46
C PHE A 381 -9.58 10.82 -18.26
N LYS A 382 -8.66 11.38 -17.48
CA LYS A 382 -8.59 12.85 -17.39
C LYS A 382 -7.13 13.26 -17.38
N ALA A 383 -6.72 14.22 -18.22
CA ALA A 383 -5.35 14.70 -18.27
C ALA A 383 -5.30 16.13 -17.76
N VAL A 384 -4.18 16.46 -17.12
CA VAL A 384 -3.91 17.82 -16.63
C VAL A 384 -2.56 18.23 -17.17
N VAL A 385 -2.48 19.35 -17.94
CA VAL A 385 -1.23 19.73 -18.58
C VAL A 385 -0.93 21.22 -18.30
N ASN A 386 0.33 21.56 -18.52
CA ASN A 386 0.74 22.98 -18.42
C ASN A 386 0.85 23.51 -19.85
N THR A 387 0.00 24.51 -20.17
CA THR A 387 -0.11 24.99 -21.54
C THR A 387 1.09 25.86 -21.94
N GLU A 388 1.89 26.28 -20.95
CA GLU A 388 3.10 27.05 -21.22
C GLU A 388 4.34 26.20 -21.43
N THR A 389 4.65 25.27 -20.50
CA THR A 389 5.83 24.43 -20.57
C THR A 389 5.57 23.18 -21.42
N LYS A 390 4.27 22.90 -21.70
CA LYS A 390 3.85 21.66 -22.37
C LYS A 390 4.10 20.41 -21.50
N GLU A 391 4.43 20.56 -20.22
CA GLU A 391 4.58 19.38 -19.37
C GLU A 391 3.22 18.75 -19.07
N ILE A 392 3.24 17.42 -18.88
CA ILE A 392 2.08 16.76 -18.28
C ILE A 392 2.14 16.95 -16.76
N LEU A 393 1.10 17.54 -16.21
CA LEU A 393 1.07 17.73 -14.78
C LEU A 393 0.53 16.50 -14.07
N GLY A 394 -0.42 15.81 -14.71
CA GLY A 394 -0.95 14.62 -14.04
C GLY A 394 -2.01 13.95 -14.91
N ALA A 395 -2.42 12.74 -14.54
CA ALA A 395 -3.54 12.10 -15.22
C ALA A 395 -4.25 11.16 -14.28
N SER A 396 -5.55 10.95 -14.55
CA SER A 396 -6.36 9.94 -13.89
C SER A 396 -6.76 8.96 -14.98
N ILE A 397 -6.59 7.65 -14.72
CA ILE A 397 -7.00 6.61 -15.66
C ILE A 397 -7.85 5.64 -14.87
N PHE A 398 -9.19 5.68 -15.09
CA PHE A 398 -10.11 4.85 -14.33
C PHE A 398 -10.77 3.92 -15.34
N SER A 399 -10.32 2.66 -15.36
CA SER A 399 -10.70 1.77 -16.45
C SER A 399 -10.13 0.38 -16.21
N GLU A 400 -10.65 -0.59 -16.96
CA GLU A 400 -10.01 -1.89 -17.09
C GLU A 400 -8.54 -1.66 -17.48
N GLY A 401 -7.65 -2.37 -16.76
CA GLY A 401 -6.22 -2.31 -17.08
C GLY A 401 -5.53 -1.02 -16.66
N SER A 402 -6.23 -0.11 -15.97
CA SER A 402 -5.60 1.17 -15.69
C SER A 402 -4.30 1.05 -14.86
N GLN A 403 -4.20 -0.03 -14.06
CA GLN A 403 -3.00 -0.19 -13.25
C GLN A 403 -1.80 -0.42 -14.15
N GLU A 404 -1.97 -0.93 -15.40
CA GLU A 404 -0.85 -0.98 -16.35
C GLU A 404 -0.72 0.35 -17.08
N ILE A 405 -1.86 0.87 -17.61
CA ILE A 405 -1.85 2.05 -18.49
C ILE A 405 -1.23 3.26 -17.80
N ILE A 406 -1.49 3.47 -16.50
CA ILE A 406 -1.00 4.66 -15.81
C ILE A 406 0.51 4.80 -15.97
N ASN A 407 1.22 3.67 -16.02
CA ASN A 407 2.68 3.76 -16.13
C ASN A 407 3.20 4.33 -17.45
N ILE A 408 2.37 4.32 -18.51
CA ILE A 408 2.69 5.03 -19.75
C ILE A 408 2.89 6.51 -19.46
N ILE A 409 1.97 7.07 -18.65
N ILE A 409 2.06 7.07 -18.59
CA ILE A 409 2.04 8.50 -18.30
CA ILE A 409 2.12 8.52 -18.39
C ILE A 409 3.34 8.81 -17.57
C ILE A 409 3.23 8.90 -17.41
N THR A 410 3.67 7.96 -16.57
CA THR A 410 4.85 8.24 -15.75
C THR A 410 6.12 8.32 -16.61
N VAL A 411 6.28 7.49 -17.67
CA VAL A 411 7.51 7.52 -18.45
C VAL A 411 7.64 8.94 -19.03
N ALA A 412 6.54 9.47 -19.56
CA ALA A 412 6.62 10.80 -20.18
C ALA A 412 6.84 11.88 -19.12
N MET A 413 6.17 11.84 -17.96
CA MET A 413 6.38 12.85 -16.92
C MET A 413 7.83 12.80 -16.44
N ASP A 414 8.34 11.60 -16.10
CA ASP A 414 9.71 11.54 -15.58
C ASP A 414 10.76 12.06 -16.54
N ASN A 415 10.56 11.85 -17.85
CA ASN A 415 11.56 12.19 -18.87
C ASN A 415 11.24 13.56 -19.50
N LYS A 416 10.37 14.35 -18.93
CA LYS A 416 10.03 15.69 -19.46
C LYS A 416 9.64 15.67 -20.93
N ILE A 417 8.77 14.71 -21.27
N ILE A 417 8.85 14.66 -21.33
CA ILE A 417 8.27 14.59 -22.63
CA ILE A 417 8.34 14.57 -22.69
C ILE A 417 7.05 15.47 -22.73
C ILE A 417 7.09 15.43 -22.77
N PRO A 418 6.95 16.34 -23.76
CA PRO A 418 5.78 17.20 -23.82
C PRO A 418 4.50 16.41 -24.08
N TYR A 419 3.39 16.97 -23.59
CA TYR A 419 2.15 16.22 -23.64
C TYR A 419 1.74 15.95 -25.08
N THR A 420 2.16 16.82 -26.00
CA THR A 420 1.77 16.67 -27.41
C THR A 420 2.34 15.38 -28.00
N TYR A 421 3.40 14.78 -27.38
CA TYR A 421 3.91 13.51 -27.90
C TYR A 421 2.80 12.45 -27.94
N PHE A 422 1.93 12.51 -26.95
CA PHE A 422 0.92 11.45 -26.90
C PHE A 422 -0.09 11.56 -28.04
N THR A 423 -0.18 12.74 -28.70
CA THR A 423 -1.02 12.85 -29.89
C THR A 423 -0.38 12.19 -31.10
N LYS A 424 0.91 11.88 -31.04
CA LYS A 424 1.66 11.34 -32.15
C LYS A 424 2.06 9.88 -32.01
N GLN A 425 2.05 9.39 -30.75
CA GLN A 425 2.45 8.00 -30.51
C GLN A 425 1.54 7.05 -31.31
N ILE A 426 2.14 6.02 -31.86
CA ILE A 426 1.42 4.97 -32.57
C ILE A 426 1.14 3.84 -31.56
N PHE A 427 -0.11 3.78 -31.09
CA PHE A 427 -0.54 2.79 -30.09
C PHE A 427 -1.09 1.55 -30.76
N THR A 428 -1.02 0.40 -30.05
CA THR A 428 -1.76 -0.77 -30.49
C THR A 428 -3.27 -0.46 -30.42
N HIS A 429 -4.05 -1.20 -31.21
N HIS A 429 -4.05 -1.12 -31.28
CA HIS A 429 -5.49 -1.02 -31.37
CA HIS A 429 -5.50 -1.01 -31.35
C HIS A 429 -6.09 -2.39 -31.59
C HIS A 429 -6.07 -2.39 -31.56
N PRO A 430 -7.27 -2.73 -31.01
CA PRO A 430 -8.04 -1.84 -30.15
C PRO A 430 -7.59 -2.01 -28.72
N THR A 431 -7.35 -0.88 -28.07
CA THR A 431 -6.87 -0.86 -26.68
C THR A 431 -7.50 0.34 -25.97
N LEU A 432 -7.41 0.36 -24.63
CA LEU A 432 -7.76 1.62 -23.96
C LEU A 432 -6.65 2.65 -24.04
N ALA A 433 -5.36 2.21 -24.04
CA ALA A 433 -4.27 3.16 -24.12
C ALA A 433 -4.30 4.04 -25.38
N GLU A 434 -4.81 3.57 -26.51
N GLU A 434 -4.82 3.50 -26.48
CA GLU A 434 -4.72 4.44 -27.68
CA GLU A 434 -4.85 4.22 -27.74
C GLU A 434 -5.53 5.72 -27.48
C GLU A 434 -5.59 5.55 -27.58
N ASN A 435 -6.50 5.67 -26.58
CA ASN A 435 -7.28 6.90 -26.39
C ASN A 435 -6.46 8.05 -25.83
N LEU A 436 -5.23 7.76 -25.36
CA LEU A 436 -4.33 8.86 -25.00
C LEU A 436 -4.03 9.76 -26.23
N ASN A 437 -4.14 9.21 -27.47
CA ASN A 437 -3.99 10.11 -28.62
C ASN A 437 -4.99 11.26 -28.56
N ASP A 438 -6.22 10.99 -28.14
CA ASP A 438 -7.30 11.99 -28.10
C ASP A 438 -7.24 12.77 -26.79
N LEU A 439 -6.90 12.10 -25.65
CA LEU A 439 -6.91 12.78 -24.35
C LEU A 439 -5.92 13.94 -24.32
N PHE A 440 -4.79 13.79 -25.03
CA PHE A 440 -3.78 14.84 -25.02
C PHE A 440 -3.86 15.81 -26.20
N ALA A 441 -4.96 15.72 -26.96
CA ALA A 441 -5.16 16.73 -28.02
C ALA A 441 -5.96 17.87 -27.39
N ILE A 442 -5.20 18.70 -26.69
CA ILE A 442 -5.67 19.80 -25.86
C ILE A 442 -5.23 21.04 -26.64
PA FAD B . 7.05 -4.40 5.62
O1A FAD B . 6.85 -5.19 4.36
O2A FAD B . 5.89 -3.85 6.34
O5B FAD B . 7.91 -5.32 6.56
C5B FAD B . 8.21 -5.01 7.94
C4B FAD B . 8.60 -6.34 8.54
O4B FAD B . 9.16 -6.00 9.85
C3B FAD B . 7.40 -7.25 8.83
O3B FAD B . 7.58 -8.50 8.13
C2B FAD B . 7.38 -7.38 10.38
O2B FAD B . 6.99 -8.65 10.87
C1B FAD B . 8.84 -7.10 10.72
N9A FAD B . 9.09 -6.57 12.08
C8A FAD B . 8.53 -5.44 12.66
N7A FAD B . 9.15 -5.13 13.79
C5A FAD B . 10.15 -6.08 13.94
C6A FAD B . 11.16 -6.22 14.90
N6A FAD B . 11.33 -5.37 15.94
N1A FAD B . 12.03 -7.26 14.75
C2A FAD B . 11.88 -8.10 13.69
N3A FAD B . 10.96 -8.00 12.71
C4A FAD B . 10.13 -6.97 12.89
N1 FAD B . 1.20 -1.15 -1.39
C2 FAD B . 1.29 -1.15 -2.73
O2 FAD B . 2.27 -0.86 -3.36
N3 FAD B . 0.20 -1.63 -3.49
C4 FAD B . -0.94 -2.13 -2.89
O4 FAD B . -1.85 -2.57 -3.66
C4X FAD B . -1.02 -2.19 -1.50
N5 FAD B . -2.10 -2.67 -0.89
C5X FAD B . -2.04 -2.83 0.48
C6 FAD B . -3.13 -3.44 1.12
C7 FAD B . -3.14 -3.65 2.50
C7M FAD B . -4.28 -4.38 3.17
C8 FAD B . -1.99 -3.26 3.24
C8M FAD B . -1.90 -3.55 4.74
C9 FAD B . -0.94 -2.60 2.61
C9A FAD B . -0.93 -2.39 1.21
N10 FAD B . 0.09 -1.72 0.57
C10 FAD B . 0.13 -1.63 -0.82
C1' FAD B . 1.22 -1.10 1.32
C2' FAD B . 2.45 -1.93 1.30
O2' FAD B . 2.10 -3.27 1.72
C3' FAD B . 3.41 -1.43 2.37
O3' FAD B . 3.55 0.00 2.07
C4' FAD B . 4.81 -1.97 2.17
O4' FAD B . 4.70 -3.41 2.00
C5' FAD B . 5.59 -1.77 3.43
O5' FAD B . 6.88 -2.29 3.16
P FAD B . 8.10 -2.00 4.20
O1P FAD B . 9.30 -2.23 3.44
O2P FAD B . 7.87 -0.72 4.92
O3P FAD B . 8.04 -3.17 5.27
C1 MLI C . 8.38 -8.17 -3.24
C2 MLI C . 8.20 -9.05 -4.46
C3 MLI C . 6.97 -7.76 -2.92
O6 MLI C . 9.20 -9.58 -4.98
O7 MLI C . 7.02 -9.20 -4.86
O8 MLI C . 6.13 -7.75 -3.91
O9 MLI C . 6.70 -7.56 -1.75
#